data_7XRO
#
_entry.id   7XRO
#
_cell.length_a   83.107
_cell.length_b   83.107
_cell.length_c   172.199
_cell.angle_alpha   90.000
_cell.angle_beta   90.000
_cell.angle_gamma   120.000
#
_symmetry.space_group_name_H-M   'P 31 2 1'
#
loop_
_entity.id
_entity.type
_entity.pdbx_description
1 polymer RipR
2 non-polymer GLYCINE
3 non-polymer 'HYDROCINNAMIC ACID'
4 non-polymer 'CHLORIDE ION'
5 water water
#
_entity_poly.entity_id   1
_entity_poly.type   'polypeptide(L)'
_entity_poly.pdbx_seq_one_letter_code
;VARGESGVLRVGFTASAAFNSVVPGAIRTFKRAYPDVRLQLEEGNTTQLADELNEGSLDVAFLRPGFTGNERFQLRLLSE
EPMVIVLAETHPAAACKQIALSILKDEFFLLFPREIGLSLYDAVIKACGKAGFEPKIGQLVPQISSVINLVSAEMGVSMV
PDSMRQVNVKGVVYRPVADQMPVAKLALAYRRGDTSPTLRNFILKVTG
;
_entity_poly.pdbx_strand_id   B,C
#
# COMPACT_ATOMS: atom_id res chain seq x y z
N VAL A 1 -23.71 -9.87 29.08
CA VAL A 1 -22.28 -9.63 29.13
C VAL A 1 -21.62 -10.24 27.91
N ALA A 2 -22.24 -11.32 27.43
CA ALA A 2 -21.79 -12.09 26.29
C ALA A 2 -22.71 -11.79 25.12
N ARG A 3 -23.22 -10.57 25.11
CA ARG A 3 -24.14 -10.07 24.11
C ARG A 3 -23.40 -9.25 23.06
N GLY A 4 -22.09 -9.42 23.01
CA GLY A 4 -21.24 -8.73 22.06
C GLY A 4 -20.58 -7.50 22.63
N GLU A 5 -20.86 -7.22 23.88
CA GLU A 5 -20.25 -6.11 24.56
C GLU A 5 -18.76 -6.33 24.72
N SER A 6 -18.35 -7.55 24.99
CA SER A 6 -16.95 -7.89 25.14
C SER A 6 -16.63 -9.17 24.41
N GLY A 7 -15.38 -9.33 24.02
CA GLY A 7 -14.95 -10.51 23.31
C GLY A 7 -13.93 -10.16 22.26
N VAL A 8 -13.64 -11.11 21.38
CA VAL A 8 -12.66 -10.86 20.34
C VAL A 8 -13.22 -11.09 18.96
N LEU A 9 -13.04 -10.11 18.06
CA LEU A 9 -13.50 -10.26 16.69
C LEU A 9 -12.32 -10.07 15.76
N ARG A 10 -12.13 -10.98 14.84
CA ARG A 10 -11.03 -10.88 13.90
C ARG A 10 -11.52 -10.46 12.54
N VAL A 11 -11.15 -9.28 12.10
CA VAL A 11 -11.61 -8.75 10.83
C VAL A 11 -10.52 -8.76 9.79
N GLY A 12 -10.85 -9.14 8.58
CA GLY A 12 -9.88 -9.15 7.52
C GLY A 12 -10.29 -8.24 6.40
N PHE A 13 -9.34 -7.80 5.62
CA PHE A 13 -9.62 -6.93 4.51
C PHE A 13 -8.49 -6.98 3.54
N THR A 14 -8.74 -6.69 2.29
CA THR A 14 -7.69 -6.70 1.32
C THR A 14 -7.05 -5.35 1.26
N ALA A 15 -5.90 -5.29 0.62
CA ALA A 15 -5.18 -4.05 0.50
C ALA A 15 -6.02 -3.01 -0.16
N SER A 16 -6.48 -3.31 -1.36
CA SER A 16 -7.31 -2.39 -2.11
C SER A 16 -8.61 -2.06 -1.40
N ALA A 17 -9.21 -3.04 -0.76
CA ALA A 17 -10.48 -2.81 -0.08
C ALA A 17 -10.43 -1.79 1.01
N ALA A 18 -9.32 -1.71 1.72
CA ALA A 18 -9.15 -0.75 2.81
C ALA A 18 -9.32 0.69 2.42
N PHE A 19 -8.96 1.06 1.20
CA PHE A 19 -9.12 2.40 0.72
C PHE A 19 -10.58 2.78 0.55
N ASN A 20 -11.44 1.82 0.27
CA ASN A 20 -12.86 2.09 0.15
C ASN A 20 -13.32 2.52 1.49
N SER A 21 -14.15 3.56 1.54
CA SER A 21 -14.60 4.11 2.81
C SER A 21 -15.50 3.29 3.70
N VAL A 22 -15.99 2.19 3.18
CA VAL A 22 -16.85 1.37 3.96
C VAL A 22 -16.07 0.63 4.99
N VAL A 23 -14.88 0.20 4.63
CA VAL A 23 -14.09 -0.56 5.58
C VAL A 23 -13.67 0.19 6.82
N PRO A 24 -13.08 1.37 6.67
CA PRO A 24 -12.70 2.11 7.86
C PRO A 24 -13.91 2.59 8.61
N GLY A 25 -14.91 3.03 7.87
CA GLY A 25 -16.10 3.57 8.49
C GLY A 25 -16.79 2.55 9.35
N ALA A 26 -16.90 1.33 8.86
CA ALA A 26 -17.52 0.30 9.63
C ALA A 26 -16.74 0.00 10.87
N ILE A 27 -15.44 -0.05 10.75
CA ILE A 27 -14.63 -0.36 11.91
C ILE A 27 -14.73 0.68 13.01
N ARG A 28 -14.66 1.95 12.66
CA ARG A 28 -14.75 2.94 13.70
C ARG A 28 -16.11 2.91 14.37
N THR A 29 -17.17 2.75 13.59
CA THR A 29 -18.49 2.72 14.14
C THR A 29 -18.63 1.56 15.09
N PHE A 30 -18.14 0.41 14.71
CA PHE A 30 -18.21 -0.70 15.62
C PHE A 30 -17.35 -0.43 16.83
N LYS A 31 -16.16 0.11 16.61
CA LYS A 31 -15.26 0.36 17.72
C LYS A 31 -15.84 1.37 18.66
N ARG A 32 -16.41 2.41 18.09
CA ARG A 32 -16.99 3.45 18.90
C ARG A 32 -18.10 2.87 19.71
N ALA A 33 -18.97 2.11 19.07
CA ALA A 33 -20.13 1.58 19.79
C ALA A 33 -19.93 0.31 20.59
N TYR A 34 -18.75 -0.29 20.56
CA TYR A 34 -18.45 -1.51 21.31
C TYR A 34 -16.97 -1.53 21.74
N PRO A 35 -16.49 -0.48 22.42
CA PRO A 35 -15.07 -0.32 22.78
C PRO A 35 -14.42 -1.56 23.36
N ASP A 36 -15.17 -2.40 24.07
CA ASP A 36 -14.57 -3.41 24.93
C ASP A 36 -14.33 -4.75 24.23
N VAL A 37 -14.47 -4.83 22.92
CA VAL A 37 -14.15 -6.05 22.18
C VAL A 37 -12.77 -5.90 21.57
N ARG A 38 -11.93 -6.93 21.72
CA ARG A 38 -10.59 -6.92 21.17
C ARG A 38 -10.66 -7.13 19.67
N LEU A 39 -10.48 -6.05 18.91
CA LEU A 39 -10.46 -6.14 17.45
C LEU A 39 -9.11 -6.61 16.97
N GLN A 40 -9.09 -7.67 16.16
CA GLN A 40 -7.87 -8.25 15.62
C GLN A 40 -7.95 -8.10 14.11
N LEU A 41 -7.39 -7.01 13.60
CA LEU A 41 -7.44 -6.71 12.17
C LEU A 41 -6.25 -7.32 11.46
N GLU A 42 -6.47 -7.65 10.18
CA GLU A 42 -5.44 -8.29 9.38
C GLU A 42 -5.76 -8.10 7.90
N GLU A 43 -4.72 -8.17 7.07
CA GLU A 43 -4.83 -8.01 5.63
C GLU A 43 -4.62 -9.34 4.92
N GLY A 44 -5.23 -9.45 3.76
CA GLY A 44 -5.02 -10.60 2.90
C GLY A 44 -5.80 -10.44 1.62
N ASN A 45 -5.33 -11.14 0.58
CA ASN A 45 -6.11 -11.22 -0.63
C ASN A 45 -7.35 -12.06 -0.38
N THR A 46 -8.35 -11.91 -1.27
CA THR A 46 -9.65 -12.54 -1.05
C THR A 46 -9.52 -14.04 -0.87
N THR A 47 -8.70 -14.68 -1.70
CA THR A 47 -8.50 -16.12 -1.58
C THR A 47 -7.99 -16.51 -0.19
N GLN A 48 -6.97 -15.78 0.29
CA GLN A 48 -6.41 -16.09 1.60
C GLN A 48 -7.43 -15.81 2.71
N LEU A 49 -8.16 -14.70 2.62
CA LEU A 49 -9.13 -14.36 3.65
C LEU A 49 -10.25 -15.38 3.73
N ALA A 50 -10.74 -15.83 2.57
CA ALA A 50 -11.81 -16.82 2.55
C ALA A 50 -11.35 -18.13 3.16
N ASP A 51 -10.14 -18.57 2.83
CA ASP A 51 -9.60 -19.79 3.44
C ASP A 51 -9.50 -19.63 4.96
N GLU A 52 -9.15 -18.44 5.42
CA GLU A 52 -9.11 -18.19 6.86
C GLU A 52 -10.49 -18.23 7.48
N LEU A 53 -11.51 -17.80 6.74
CA LEU A 53 -12.88 -17.95 7.21
C LEU A 53 -13.25 -19.42 7.37
N ASN A 54 -12.92 -20.23 6.36
CA ASN A 54 -13.26 -21.65 6.41
C ASN A 54 -12.49 -22.37 7.50
N GLU A 55 -11.21 -22.07 7.67
CA GLU A 55 -10.38 -22.76 8.64
C GLU A 55 -10.62 -22.29 10.07
N GLY A 56 -11.29 -21.15 10.27
CA GLY A 56 -11.65 -20.69 11.59
C GLY A 56 -10.69 -19.70 12.22
N SER A 57 -9.69 -19.21 11.49
CA SER A 57 -8.74 -18.24 12.02
C SER A 57 -9.15 -16.80 11.72
N LEU A 58 -10.37 -16.57 11.26
CA LEU A 58 -10.82 -15.24 10.89
C LEU A 58 -12.34 -15.25 10.89
N ASP A 59 -12.94 -14.18 11.43
CA ASP A 59 -14.37 -14.15 11.70
C ASP A 59 -15.19 -13.49 10.61
N VAL A 60 -14.66 -12.43 9.98
CA VAL A 60 -15.38 -11.73 8.92
C VAL A 60 -14.36 -11.03 8.06
N ALA A 61 -14.68 -10.86 6.77
CA ALA A 61 -13.72 -10.35 5.81
C ALA A 61 -14.38 -9.35 4.86
N PHE A 62 -13.61 -8.32 4.49
CA PHE A 62 -13.96 -7.41 3.41
C PHE A 62 -13.21 -7.88 2.18
N LEU A 63 -13.88 -8.60 1.29
CA LEU A 63 -13.23 -9.16 0.12
C LEU A 63 -14.08 -8.90 -1.12
N ARG A 64 -13.57 -9.35 -2.28
CA ARG A 64 -14.24 -9.19 -3.56
C ARG A 64 -14.97 -10.47 -3.91
N PRO A 65 -16.23 -10.40 -4.32
CA PRO A 65 -17.00 -11.61 -4.59
C PRO A 65 -16.55 -12.27 -5.89
N GLY A 66 -17.14 -13.44 -6.14
CA GLY A 66 -16.90 -14.19 -7.36
C GLY A 66 -15.84 -15.27 -7.25
N PHE A 67 -15.02 -15.24 -6.20
CA PHE A 67 -13.96 -16.22 -6.06
C PHE A 67 -14.53 -17.63 -5.94
N THR A 68 -13.76 -18.61 -6.43
CA THR A 68 -14.22 -19.99 -6.41
C THR A 68 -14.38 -20.48 -4.98
N GLY A 69 -15.48 -21.18 -4.72
CA GLY A 69 -15.80 -21.63 -3.38
C GLY A 69 -16.52 -20.61 -2.52
N ASN A 70 -16.99 -19.51 -3.11
CA ASN A 70 -17.67 -18.49 -2.33
C ASN A 70 -19.05 -18.93 -1.88
N GLU A 71 -19.65 -19.93 -2.55
CA GLU A 71 -20.95 -20.44 -2.13
C GLU A 71 -20.89 -21.09 -0.75
N ARG A 72 -19.71 -21.39 -0.24
CA ARG A 72 -19.57 -21.96 1.10
C ARG A 72 -19.76 -20.93 2.20
N PHE A 73 -19.68 -19.65 1.87
CA PHE A 73 -19.77 -18.58 2.85
C PHE A 73 -21.03 -17.74 2.61
N GLN A 74 -21.34 -16.92 3.62
CA GLN A 74 -22.40 -15.92 3.49
C GLN A 74 -21.76 -14.61 3.03
N LEU A 75 -22.19 -14.12 1.88
CA LEU A 75 -21.66 -12.90 1.30
C LEU A 75 -22.75 -11.85 1.25
N ARG A 76 -22.49 -10.69 1.85
CA ARG A 76 -23.37 -9.52 1.76
C ARG A 76 -22.68 -8.52 0.84
N LEU A 77 -23.24 -8.34 -0.35
CA LEU A 77 -22.62 -7.47 -1.35
C LEU A 77 -22.66 -6.02 -0.89
N LEU A 78 -21.48 -5.45 -0.68
CA LEU A 78 -21.37 -4.04 -0.31
C LEU A 78 -21.57 -3.18 -1.56
N SER A 79 -21.30 -1.89 -1.46
CA SER A 79 -21.57 -0.98 -2.56
C SER A 79 -20.54 -1.14 -3.67
N GLU A 80 -21.03 -1.17 -4.91
CA GLU A 80 -20.16 -1.23 -6.07
C GLU A 80 -19.42 0.09 -6.25
N GLU A 81 -18.35 0.05 -7.02
CA GLU A 81 -17.48 1.21 -7.17
C GLU A 81 -16.78 1.16 -8.52
N PRO A 82 -16.77 2.27 -9.27
CA PRO A 82 -16.18 2.25 -10.61
C PRO A 82 -14.68 2.08 -10.58
N MET A 83 -14.15 1.60 -11.69
CA MET A 83 -12.70 1.41 -11.87
C MET A 83 -12.19 2.47 -12.83
N VAL A 84 -11.25 3.29 -12.36
CA VAL A 84 -10.71 4.39 -13.13
C VAL A 84 -9.36 4.00 -13.70
N ILE A 85 -8.90 4.78 -14.67
CA ILE A 85 -7.60 4.56 -15.31
C ILE A 85 -6.56 5.42 -14.60
N VAL A 86 -5.42 4.83 -14.27
CA VAL A 86 -4.29 5.57 -13.72
C VAL A 86 -3.26 5.75 -14.83
N LEU A 87 -2.61 6.91 -14.85
CA LEU A 87 -1.66 7.25 -15.89
C LEU A 87 -0.85 8.45 -15.45
N ALA A 88 0.33 8.61 -16.05
CA ALA A 88 1.21 9.69 -15.66
C ALA A 88 0.66 11.03 -16.13
N GLU A 89 1.05 12.09 -15.42
CA GLU A 89 0.68 13.44 -15.83
C GLU A 89 1.23 13.77 -17.22
N THR A 90 2.41 13.23 -17.54
CA THR A 90 3.05 13.47 -18.83
C THR A 90 2.40 12.71 -19.97
N HIS A 91 1.49 11.79 -19.68
CA HIS A 91 0.83 11.04 -20.75
C HIS A 91 -0.05 11.98 -21.56
N PRO A 92 0.01 11.93 -22.89
CA PRO A 92 -0.83 12.84 -23.69
C PRO A 92 -2.32 12.56 -23.55
N ALA A 93 -2.72 11.35 -23.15
CA ALA A 93 -4.13 11.07 -22.95
C ALA A 93 -4.67 11.70 -21.68
N ALA A 94 -3.77 12.15 -20.77
CA ALA A 94 -4.22 12.75 -19.53
C ALA A 94 -4.96 14.06 -19.74
N ALA A 95 -4.84 14.66 -20.93
CA ALA A 95 -5.55 15.91 -21.23
C ALA A 95 -7.06 15.71 -21.36
N CYS A 96 -7.51 14.47 -21.56
CA CYS A 96 -8.93 14.17 -21.66
C CYS A 96 -9.52 13.95 -20.28
N LYS A 97 -10.82 14.23 -20.16
CA LYS A 97 -11.52 13.99 -18.91
C LYS A 97 -11.90 12.52 -18.74
N GLN A 98 -12.22 11.85 -19.84
CA GLN A 98 -12.57 10.43 -19.83
C GLN A 98 -11.80 9.72 -20.92
N ILE A 99 -11.26 8.55 -20.61
CA ILE A 99 -10.36 7.82 -21.49
C ILE A 99 -11.09 6.60 -22.05
N ALA A 100 -10.83 6.31 -23.32
CA ALA A 100 -11.27 5.06 -23.93
C ALA A 100 -10.19 3.99 -23.76
N LEU A 101 -10.60 2.77 -23.46
CA LEU A 101 -9.63 1.73 -23.18
C LEU A 101 -8.93 1.26 -24.44
N SER A 102 -9.60 1.31 -25.59
CA SER A 102 -8.97 0.94 -26.85
C SER A 102 -7.81 1.86 -27.21
N ILE A 103 -7.72 3.02 -26.55
CA ILE A 103 -6.62 3.95 -26.81
C ILE A 103 -5.28 3.31 -26.44
N LEU A 104 -5.28 2.49 -25.40
CA LEU A 104 -4.05 1.93 -24.85
C LEU A 104 -4.03 0.43 -25.06
N LYS A 105 -3.96 0.01 -26.32
CA LYS A 105 -3.88 -1.42 -26.63
C LYS A 105 -2.44 -1.93 -26.69
N ASP A 106 -1.48 -1.06 -27.01
CA ASP A 106 -0.06 -1.40 -26.97
C ASP A 106 0.67 -0.78 -25.80
N GLU A 107 -0.01 0.06 -25.01
CA GLU A 107 0.62 0.65 -23.83
C GLU A 107 0.89 -0.42 -22.79
N PHE A 108 2.10 -0.42 -22.25
CA PHE A 108 2.44 -1.36 -21.19
C PHE A 108 1.52 -1.14 -19.99
N PHE A 109 0.99 -2.23 -19.45
CA PHE A 109 0.11 -2.16 -18.30
C PHE A 109 0.85 -2.61 -17.04
N LEU A 110 0.65 -1.87 -15.96
CA LEU A 110 1.31 -2.15 -14.68
C LEU A 110 0.29 -2.82 -13.77
N LEU A 111 0.25 -4.14 -13.81
CA LEU A 111 -0.69 -4.89 -13.01
C LEU A 111 0.02 -5.56 -11.83
N PHE A 112 -0.63 -6.57 -11.27
CA PHE A 112 -0.17 -7.30 -10.10
C PHE A 112 -0.25 -8.78 -10.41
N PRO A 113 0.51 -9.62 -9.71
CA PRO A 113 0.36 -11.07 -9.90
C PRO A 113 -1.08 -11.49 -9.67
N ARG A 114 -1.60 -12.30 -10.60
CA ARG A 114 -3.00 -12.74 -10.50
C ARG A 114 -3.26 -13.45 -9.18
N GLU A 115 -2.23 -14.06 -8.58
CA GLU A 115 -2.43 -14.75 -7.31
C GLU A 115 -2.75 -13.76 -6.20
N ILE A 116 -2.04 -12.64 -6.13
CA ILE A 116 -2.32 -11.61 -5.13
C ILE A 116 -3.63 -10.89 -5.44
N GLY A 117 -4.03 -10.87 -6.70
CA GLY A 117 -5.30 -10.27 -7.08
C GLY A 117 -6.07 -11.05 -8.13
N LEU A 118 -7.23 -11.60 -7.75
CA LEU A 118 -8.05 -12.37 -8.68
C LEU A 118 -9.05 -11.48 -9.43
N SER A 119 -9.93 -10.81 -8.68
CA SER A 119 -11.06 -10.10 -9.30
C SER A 119 -10.60 -8.83 -10.02
N LEU A 120 -9.82 -7.99 -9.34
CA LEU A 120 -9.37 -6.74 -9.94
C LEU A 120 -8.51 -7.01 -11.17
N TYR A 121 -7.68 -8.06 -11.12
CA TYR A 121 -6.96 -8.49 -12.31
C TYR A 121 -7.94 -8.94 -13.39
N ASP A 122 -8.92 -9.76 -13.02
CA ASP A 122 -9.94 -10.20 -13.97
C ASP A 122 -10.68 -9.01 -14.57
N ALA A 123 -11.08 -8.06 -13.72
CA ALA A 123 -11.80 -6.89 -14.20
C ALA A 123 -10.97 -6.10 -15.21
N VAL A 124 -9.65 -6.03 -14.99
CA VAL A 124 -8.79 -5.31 -15.91
C VAL A 124 -8.76 -6.02 -17.27
N ILE A 125 -8.50 -7.32 -17.26
CA ILE A 125 -8.41 -8.08 -18.51
C ILE A 125 -9.76 -8.11 -19.20
N LYS A 126 -10.85 -8.28 -18.43
CA LYS A 126 -12.18 -8.30 -19.02
C LYS A 126 -12.55 -6.94 -19.60
N ALA A 127 -12.10 -5.84 -18.98
CA ALA A 127 -12.37 -4.52 -19.53
C ALA A 127 -11.63 -4.31 -20.85
N CYS A 128 -10.31 -4.49 -20.84
CA CYS A 128 -9.54 -4.41 -22.08
C CYS A 128 -9.97 -5.49 -23.06
N GLY A 129 -10.42 -6.63 -22.57
CA GLY A 129 -10.95 -7.66 -23.46
C GLY A 129 -12.18 -7.18 -24.22
N LYS A 130 -13.08 -6.48 -23.54
CA LYS A 130 -14.20 -5.84 -24.23
C LYS A 130 -13.69 -4.73 -25.15
N ALA A 131 -12.66 -4.00 -24.76
CA ALA A 131 -12.06 -3.00 -25.63
C ALA A 131 -11.36 -3.58 -26.86
N GLY A 132 -11.17 -4.90 -26.90
CA GLY A 132 -10.67 -5.54 -28.11
C GLY A 132 -9.16 -5.77 -28.13
N PHE A 133 -8.58 -6.06 -26.98
CA PHE A 133 -7.14 -6.35 -26.91
C PHE A 133 -6.82 -6.99 -25.57
N GLU A 134 -5.69 -7.68 -25.54
CA GLU A 134 -5.13 -8.12 -24.27
C GLU A 134 -4.09 -7.12 -23.80
N PRO A 135 -4.09 -6.77 -22.52
CA PRO A 135 -3.20 -5.68 -22.07
C PRO A 135 -1.74 -6.12 -22.10
N LYS A 136 -0.90 -5.29 -22.70
CA LYS A 136 0.53 -5.55 -22.74
C LYS A 136 1.01 -5.52 -21.29
N ILE A 137 1.32 -6.70 -20.75
CA ILE A 137 1.73 -6.80 -19.36
C ILE A 137 3.15 -6.24 -19.27
N GLY A 138 3.30 -5.15 -18.54
CA GLY A 138 4.60 -4.55 -18.34
C GLY A 138 5.29 -5.08 -17.10
N GLN A 139 5.15 -4.38 -15.97
CA GLN A 139 5.71 -4.82 -14.71
C GLN A 139 4.60 -5.30 -13.79
N LEU A 140 4.96 -6.23 -12.91
CA LEU A 140 4.05 -6.76 -11.90
C LEU A 140 4.64 -6.47 -10.53
N VAL A 141 3.82 -5.85 -9.70
CA VAL A 141 4.19 -5.54 -8.34
C VAL A 141 3.06 -5.98 -7.46
N PRO A 142 3.37 -6.32 -6.21
CA PRO A 142 2.41 -6.78 -5.21
C PRO A 142 1.38 -5.91 -4.54
N GLN A 143 1.73 -4.68 -4.22
CA GLN A 143 0.79 -3.81 -3.56
C GLN A 143 0.35 -2.92 -4.71
N ILE A 144 -0.90 -2.49 -4.67
CA ILE A 144 -1.44 -1.62 -5.70
C ILE A 144 -0.73 -0.28 -5.63
N SER A 145 -0.60 0.24 -4.42
CA SER A 145 0.05 1.50 -4.16
C SER A 145 1.26 1.57 -5.05
N SER A 146 1.93 0.45 -5.25
CA SER A 146 3.18 0.49 -5.97
C SER A 146 2.97 0.65 -7.48
N VAL A 147 1.81 0.24 -8.00
CA VAL A 147 1.57 0.48 -9.43
C VAL A 147 1.35 1.96 -9.68
N ILE A 148 0.80 2.67 -8.69
CA ILE A 148 0.57 4.11 -8.83
C ILE A 148 1.88 4.87 -8.73
N ASN A 149 2.80 4.41 -7.88
CA ASN A 149 4.12 5.01 -7.84
C ASN A 149 4.91 4.66 -9.10
N LEU A 150 4.73 3.45 -9.62
CA LEU A 150 5.41 3.06 -10.84
C LEU A 150 4.82 3.76 -12.07
N VAL A 151 3.51 4.01 -12.05
CA VAL A 151 2.91 4.79 -13.13
C VAL A 151 3.40 6.23 -13.07
N SER A 152 3.81 6.70 -11.90
CA SER A 152 4.45 8.01 -11.79
C SER A 152 5.81 8.04 -12.48
N ALA A 153 6.43 6.88 -12.68
CA ALA A 153 7.70 6.78 -13.38
C ALA A 153 7.53 6.54 -14.87
N GLU A 154 6.33 6.74 -15.41
CA GLU A 154 6.04 6.54 -16.83
C GLU A 154 6.40 5.14 -17.30
N MET A 155 6.17 4.15 -16.44
CA MET A 155 6.47 2.76 -16.76
C MET A 155 5.27 2.02 -17.35
N GLY A 156 4.24 2.74 -17.76
CA GLY A 156 3.02 2.16 -18.28
C GLY A 156 1.81 2.77 -17.62
N VAL A 157 0.67 2.10 -17.76
CA VAL A 157 -0.58 2.55 -17.17
C VAL A 157 -1.18 1.39 -16.39
N SER A 158 -2.27 1.68 -15.67
CA SER A 158 -2.95 0.65 -14.90
C SER A 158 -4.39 1.10 -14.65
N MET A 159 -5.18 0.18 -14.11
CA MET A 159 -6.59 0.42 -13.81
C MET A 159 -6.84 0.02 -12.37
N VAL A 160 -7.34 0.96 -11.57
CA VAL A 160 -7.51 0.75 -10.14
C VAL A 160 -8.90 1.20 -9.73
N PRO A 161 -9.40 0.71 -8.59
CA PRO A 161 -10.67 1.22 -8.07
C PRO A 161 -10.66 2.72 -7.85
N ASP A 162 -11.85 3.29 -7.83
CA ASP A 162 -12.01 4.72 -7.60
C ASP A 162 -11.57 5.12 -6.19
N SER A 163 -11.41 4.17 -5.28
CA SER A 163 -10.90 4.51 -3.95
C SER A 163 -9.48 5.03 -4.01
N MET A 164 -8.73 4.65 -5.04
CA MET A 164 -7.32 5.02 -5.13
C MET A 164 -7.07 6.45 -5.56
N ARG A 165 -8.14 7.22 -5.82
CA ARG A 165 -7.96 8.65 -5.98
C ARG A 165 -7.27 9.25 -4.76
N GLN A 166 -7.43 8.61 -3.59
CA GLN A 166 -6.79 9.08 -2.38
C GLN A 166 -5.26 8.92 -2.44
N VAL A 167 -4.75 8.04 -3.29
CA VAL A 167 -3.31 7.95 -3.52
C VAL A 167 -2.90 9.11 -4.41
N ASN A 168 -2.73 10.29 -3.81
CA ASN A 168 -2.45 11.52 -4.56
C ASN A 168 -0.94 11.66 -4.74
N VAL A 169 -0.40 10.79 -5.57
CA VAL A 169 1.03 10.78 -5.85
C VAL A 169 1.36 11.83 -6.92
N LYS A 170 2.40 12.62 -6.68
CA LYS A 170 2.82 13.63 -7.63
C LYS A 170 3.25 12.99 -8.95
N GLY A 171 2.56 13.32 -10.03
CA GLY A 171 2.88 12.84 -11.36
C GLY A 171 1.84 11.94 -11.98
N VAL A 172 0.78 11.60 -11.26
CA VAL A 172 -0.26 10.72 -11.77
C VAL A 172 -1.61 11.40 -11.65
N VAL A 173 -2.50 11.10 -12.58
CA VAL A 173 -3.88 11.55 -12.54
C VAL A 173 -4.78 10.34 -12.79
N TYR A 174 -6.06 10.52 -12.49
CA TYR A 174 -7.07 9.49 -12.69
C TYR A 174 -8.18 10.04 -13.57
N ARG A 175 -8.55 9.29 -14.60
CA ARG A 175 -9.64 9.66 -15.49
C ARG A 175 -10.55 8.46 -15.67
N PRO A 176 -11.87 8.64 -15.57
CA PRO A 176 -12.78 7.50 -15.70
C PRO A 176 -12.81 6.95 -17.13
N VAL A 177 -13.23 5.70 -17.24
CA VAL A 177 -13.37 5.04 -18.52
C VAL A 177 -14.71 5.42 -19.14
N ALA A 178 -14.69 5.73 -20.44
CA ALA A 178 -15.87 6.27 -21.12
C ALA A 178 -16.54 5.29 -22.07
N ASP A 179 -15.79 4.36 -22.68
CA ASP A 179 -16.38 3.44 -23.64
C ASP A 179 -17.06 2.24 -22.98
N GLN A 180 -16.74 1.94 -21.72
CA GLN A 180 -17.37 0.83 -21.00
C GLN A 180 -17.76 1.31 -19.60
N MET A 181 -18.14 0.39 -18.71
CA MET A 181 -18.44 0.71 -17.31
C MET A 181 -17.82 -0.32 -16.37
N PRO A 182 -16.47 -0.44 -16.35
CA PRO A 182 -15.82 -1.24 -15.31
C PRO A 182 -16.29 -0.92 -13.90
N VAL A 183 -16.18 -1.89 -12.99
CA VAL A 183 -16.64 -1.74 -11.62
C VAL A 183 -15.77 -2.61 -10.72
N ALA A 184 -15.78 -2.31 -9.42
CA ALA A 184 -15.00 -3.06 -8.44
C ALA A 184 -15.94 -3.47 -7.30
N LYS A 185 -16.39 -4.71 -7.33
CA LYS A 185 -17.33 -5.18 -6.33
C LYS A 185 -16.63 -5.42 -4.99
N LEU A 186 -17.42 -5.34 -3.93
CA LEU A 186 -16.93 -5.58 -2.58
C LEU A 186 -18.03 -6.29 -1.79
N ALA A 187 -17.63 -7.26 -0.96
CA ALA A 187 -18.58 -8.04 -0.20
C ALA A 187 -18.08 -8.19 1.23
N LEU A 188 -19.01 -8.49 2.14
CA LEU A 188 -18.71 -8.85 3.52
C LEU A 188 -18.94 -10.34 3.67
N ALA A 189 -17.86 -11.09 3.88
CA ALA A 189 -17.91 -12.54 3.94
C ALA A 189 -17.73 -13.01 5.36
N TYR A 190 -18.61 -13.92 5.78
CA TYR A 190 -18.48 -14.60 7.07
C TYR A 190 -19.03 -16.01 6.90
N ARG A 191 -18.90 -16.82 7.95
CA ARG A 191 -19.37 -18.20 7.90
C ARG A 191 -20.89 -18.24 8.00
N ARG A 192 -21.53 -18.98 7.09
CA ARG A 192 -22.97 -19.18 7.16
C ARG A 192 -23.32 -19.97 8.42
N GLY A 193 -23.93 -19.33 9.39
CA GLY A 193 -24.29 -20.00 10.63
C GLY A 193 -23.40 -19.68 11.81
N ASP A 194 -22.41 -18.80 11.64
CA ASP A 194 -21.65 -18.31 12.78
C ASP A 194 -22.56 -17.39 13.58
N THR A 195 -22.92 -17.83 14.79
CA THR A 195 -23.82 -17.07 15.65
C THR A 195 -23.07 -16.25 16.69
N SER A 196 -21.77 -16.04 16.51
CA SER A 196 -21.00 -15.19 17.39
C SER A 196 -21.66 -13.82 17.51
N PRO A 197 -22.09 -13.42 18.71
CA PRO A 197 -22.76 -12.11 18.83
C PRO A 197 -21.91 -10.98 18.32
N THR A 198 -20.65 -10.90 18.76
CA THR A 198 -19.76 -9.84 18.29
C THR A 198 -19.72 -9.76 16.77
N LEU A 199 -19.77 -10.91 16.10
CA LEU A 199 -19.82 -10.90 14.64
C LEU A 199 -21.13 -10.31 14.14
N ARG A 200 -22.25 -10.74 14.73
CA ARG A 200 -23.57 -10.31 14.25
C ARG A 200 -23.76 -8.80 14.43
N ASN A 201 -23.33 -8.25 15.57
CA ASN A 201 -23.38 -6.80 15.72
C ASN A 201 -22.51 -6.10 14.70
N PHE A 202 -21.39 -6.71 14.30
CA PHE A 202 -20.53 -6.11 13.30
C PHE A 202 -21.23 -6.02 11.96
N ILE A 203 -21.93 -7.08 11.55
CA ILE A 203 -22.67 -7.05 10.29
C ILE A 203 -23.70 -5.91 10.30
N LEU A 204 -24.33 -5.67 11.46
CA LEU A 204 -25.28 -4.58 11.58
C LEU A 204 -24.64 -3.23 11.29
N LYS A 205 -23.42 -3.01 11.79
CA LYS A 205 -22.75 -1.74 11.57
C LYS A 205 -22.27 -1.58 10.13
N VAL A 206 -22.11 -2.67 9.39
CA VAL A 206 -21.71 -2.58 8.00
C VAL A 206 -22.91 -2.28 7.11
N THR A 207 -23.89 -3.19 7.11
CA THR A 207 -25.10 -3.01 6.30
C THR A 207 -26.00 -1.93 6.88
N GLU B 5 24.19 2.12 -21.60
CA GLU B 5 24.27 1.45 -22.89
C GLU B 5 22.92 0.82 -23.24
N SER B 6 22.86 -0.51 -23.25
CA SER B 6 21.63 -1.23 -23.54
C SER B 6 21.72 -2.64 -22.96
N GLY B 7 20.60 -3.11 -22.41
CA GLY B 7 20.56 -4.41 -21.80
C GLY B 7 19.46 -4.54 -20.76
N VAL B 8 19.75 -5.22 -19.65
CA VAL B 8 18.78 -5.41 -18.58
C VAL B 8 19.27 -4.69 -17.34
N LEU B 9 18.31 -4.35 -16.46
CA LEU B 9 18.64 -3.72 -15.19
C LEU B 9 17.50 -3.98 -14.22
N ARG B 10 17.80 -4.64 -13.11
CA ARG B 10 16.80 -5.02 -12.11
C ARG B 10 16.91 -4.05 -10.94
N VAL B 11 15.91 -3.19 -10.78
CA VAL B 11 15.90 -2.14 -9.77
C VAL B 11 14.87 -2.50 -8.72
N GLY B 12 15.29 -2.51 -7.46
CA GLY B 12 14.40 -2.81 -6.36
C GLY B 12 14.15 -1.61 -5.45
N PHE B 13 13.10 -1.67 -4.64
CA PHE B 13 12.73 -0.56 -3.77
C PHE B 13 11.71 -1.07 -2.76
N THR B 14 11.59 -0.36 -1.64
CA THR B 14 10.54 -0.64 -0.68
C THR B 14 9.28 0.11 -1.05
N ALA B 15 8.13 -0.45 -0.64
CA ALA B 15 6.85 0.19 -0.94
C ALA B 15 6.80 1.61 -0.37
N SER B 16 7.36 1.80 0.83
CA SER B 16 7.41 3.12 1.42
C SER B 16 8.40 4.02 0.70
N ALA B 17 9.48 3.44 0.18
CA ALA B 17 10.47 4.23 -0.55
C ALA B 17 9.94 4.71 -1.89
N ALA B 18 9.03 3.94 -2.50
CA ALA B 18 8.51 4.30 -3.82
C ALA B 18 7.81 5.65 -3.81
N PHE B 19 7.24 6.04 -2.67
CA PHE B 19 6.60 7.35 -2.59
C PHE B 19 7.60 8.48 -2.61
N ASN B 20 8.81 8.24 -2.08
CA ASN B 20 9.87 9.22 -2.13
C ASN B 20 10.18 9.57 -3.58
N SER B 21 10.01 10.85 -3.94
CA SER B 21 10.08 11.27 -5.33
C SER B 21 11.38 10.86 -6.01
N VAL B 22 12.44 10.64 -5.24
CA VAL B 22 13.72 10.27 -5.83
C VAL B 22 13.68 8.89 -6.47
N VAL B 23 12.73 8.04 -6.07
CA VAL B 23 12.67 6.69 -6.63
C VAL B 23 12.02 6.71 -8.00
N PRO B 24 10.77 7.20 -8.16
CA PRO B 24 10.22 7.25 -9.53
C PRO B 24 10.89 8.29 -10.40
N GLY B 25 11.47 9.33 -9.80
CA GLY B 25 12.16 10.34 -10.59
C GLY B 25 13.43 9.80 -11.22
N ALA B 26 14.14 8.93 -10.51
CA ALA B 26 15.32 8.29 -11.08
C ALA B 26 14.92 7.29 -12.16
N ILE B 27 13.88 6.50 -11.92
CA ILE B 27 13.40 5.57 -12.92
C ILE B 27 12.91 6.31 -14.16
N ARG B 28 12.26 7.45 -13.95
CA ARG B 28 11.82 8.28 -15.07
C ARG B 28 13.02 8.80 -15.87
N THR B 29 14.01 9.36 -15.18
CA THR B 29 15.17 9.91 -15.86
C THR B 29 15.97 8.84 -16.59
N PHE B 30 16.03 7.63 -16.03
CA PHE B 30 16.75 6.54 -16.71
C PHE B 30 15.95 5.99 -17.87
N LYS B 31 14.63 5.87 -17.71
CA LYS B 31 13.79 5.38 -18.80
C LYS B 31 13.82 6.33 -19.99
N ARG B 32 14.04 7.62 -19.75
CA ARG B 32 14.06 8.59 -20.83
C ARG B 32 15.43 8.66 -21.51
N ALA B 33 16.51 8.54 -20.73
CA ALA B 33 17.85 8.66 -21.30
C ALA B 33 18.29 7.38 -21.98
N TYR B 34 17.83 6.23 -21.51
CA TYR B 34 18.20 4.93 -22.08
C TYR B 34 16.92 4.13 -22.30
N PRO B 35 16.15 4.48 -23.33
CA PRO B 35 14.84 3.83 -23.52
C PRO B 35 14.93 2.39 -24.02
N ASP B 36 16.10 1.95 -24.47
CA ASP B 36 16.27 0.58 -24.95
C ASP B 36 16.62 -0.40 -23.84
N VAL B 37 16.96 0.09 -22.64
CA VAL B 37 17.36 -0.79 -21.55
C VAL B 37 16.11 -1.45 -20.99
N ARG B 38 16.13 -2.79 -20.93
CA ARG B 38 15.00 -3.55 -20.39
C ARG B 38 15.00 -3.42 -18.88
N LEU B 39 14.12 -2.55 -18.36
CA LEU B 39 14.00 -2.35 -16.94
C LEU B 39 13.09 -3.41 -16.34
N GLN B 40 13.50 -3.98 -15.21
CA GLN B 40 12.70 -4.95 -14.47
C GLN B 40 12.65 -4.52 -13.01
N LEU B 41 11.49 -4.03 -12.57
CA LEU B 41 11.35 -3.42 -11.27
C LEU B 41 10.77 -4.41 -10.26
N GLU B 42 11.18 -4.27 -9.00
CA GLU B 42 10.76 -5.16 -7.93
C GLU B 42 10.49 -4.35 -6.67
N GLU B 43 9.49 -4.78 -5.90
CA GLU B 43 9.16 -4.18 -4.62
C GLU B 43 9.41 -5.20 -3.51
N GLY B 44 9.97 -4.72 -2.40
CA GLY B 44 10.26 -5.59 -1.27
C GLY B 44 10.92 -4.78 -0.18
N ASN B 45 11.02 -5.39 1.01
CA ASN B 45 11.56 -4.68 2.14
C ASN B 45 13.09 -4.68 2.10
N THR B 46 13.69 -4.07 3.13
CA THR B 46 15.12 -3.81 3.11
C THR B 46 15.94 -5.10 3.13
N THR B 47 15.60 -6.04 4.02
CA THR B 47 16.38 -7.26 4.15
C THR B 47 16.25 -8.14 2.91
N GLN B 48 15.02 -8.29 2.41
CA GLN B 48 14.81 -9.13 1.22
C GLN B 48 15.50 -8.53 0.00
N LEU B 49 15.43 -7.20 -0.15
CA LEU B 49 16.12 -6.55 -1.26
C LEU B 49 17.63 -6.78 -1.20
N ALA B 50 18.18 -6.90 0.01
CA ALA B 50 19.61 -7.16 0.15
C ALA B 50 19.95 -8.59 -0.26
N ASP B 51 19.09 -9.54 0.08
CA ASP B 51 19.33 -10.93 -0.31
C ASP B 51 19.35 -11.09 -1.83
N GLU B 52 18.53 -10.31 -2.54
CA GLU B 52 18.54 -10.37 -3.99
C GLU B 52 19.83 -9.77 -4.57
N LEU B 53 20.33 -8.71 -3.95
CA LEU B 53 21.63 -8.16 -4.37
C LEU B 53 22.74 -9.18 -4.16
N ASN B 54 22.70 -9.89 -3.03
CA ASN B 54 23.69 -10.92 -2.75
C ASN B 54 23.64 -12.04 -3.78
N GLU B 55 22.45 -12.62 -3.97
CA GLU B 55 22.30 -13.76 -4.86
C GLU B 55 22.51 -13.37 -6.32
N GLY B 56 22.16 -12.15 -6.69
CA GLY B 56 22.32 -11.67 -8.04
C GLY B 56 21.05 -11.49 -8.83
N SER B 57 19.88 -11.68 -8.20
CA SER B 57 18.60 -11.44 -8.85
C SER B 57 18.15 -9.99 -8.77
N LEU B 58 19.07 -9.08 -8.42
CA LEU B 58 18.80 -7.65 -8.37
C LEU B 58 20.12 -6.92 -8.49
N ASP B 59 20.09 -5.77 -9.15
CA ASP B 59 21.30 -4.99 -9.44
C ASP B 59 21.44 -3.75 -8.58
N VAL B 60 20.34 -3.05 -8.28
CA VAL B 60 20.39 -1.84 -7.48
C VAL B 60 19.08 -1.74 -6.72
N ALA B 61 19.12 -1.14 -5.53
CA ALA B 61 17.98 -1.14 -4.63
C ALA B 61 17.86 0.20 -3.91
N PHE B 62 16.62 0.67 -3.78
CA PHE B 62 16.29 1.82 -2.94
C PHE B 62 15.81 1.29 -1.60
N LEU B 63 16.75 1.14 -0.66
CA LEU B 63 16.46 0.56 0.64
C LEU B 63 16.88 1.52 1.75
N ARG B 64 16.67 1.08 3.00
CA ARG B 64 16.99 1.86 4.19
C ARG B 64 18.32 1.39 4.78
N PRO B 65 19.23 2.29 5.13
CA PRO B 65 20.53 1.87 5.65
C PRO B 65 20.41 1.26 7.04
N GLY B 66 21.54 0.75 7.53
CA GLY B 66 21.62 0.14 8.84
C GLY B 66 21.43 -1.36 8.86
N PHE B 67 20.97 -1.95 7.76
CA PHE B 67 20.78 -3.39 7.68
C PHE B 67 22.10 -4.14 7.88
N THR B 68 21.99 -5.38 8.33
CA THR B 68 23.16 -6.21 8.58
C THR B 68 23.81 -6.65 7.28
N GLY B 69 24.75 -5.85 6.79
CA GLY B 69 25.44 -6.16 5.54
C GLY B 69 25.86 -4.93 4.78
N ASN B 70 25.67 -3.75 5.37
CA ASN B 70 26.01 -2.49 4.72
C ASN B 70 27.50 -2.34 4.45
N GLU B 71 28.34 -3.24 4.97
CA GLU B 71 29.77 -3.17 4.69
C GLU B 71 30.10 -3.78 3.34
N ARG B 72 29.57 -4.97 3.07
CA ARG B 72 29.92 -5.69 1.85
C ARG B 72 29.28 -5.11 0.59
N PHE B 73 28.37 -4.15 0.74
CA PHE B 73 27.78 -3.45 -0.39
C PHE B 73 28.30 -2.02 -0.44
N GLN B 74 28.16 -1.40 -1.61
CA GLN B 74 28.42 0.03 -1.77
C GLN B 74 27.13 0.78 -1.48
N LEU B 75 27.15 1.64 -0.48
CA LEU B 75 25.96 2.37 -0.03
C LEU B 75 26.10 3.84 -0.36
N ARG B 76 25.13 4.37 -1.10
CA ARG B 76 25.06 5.79 -1.41
C ARG B 76 23.89 6.38 -0.66
N LEU B 77 24.18 7.17 0.37
CA LEU B 77 23.12 7.83 1.14
C LEU B 77 22.42 8.85 0.25
N LEU B 78 21.09 8.75 0.16
CA LEU B 78 20.32 9.47 -0.86
C LEU B 78 19.68 10.75 -0.31
N SER B 79 18.82 10.63 0.70
CA SER B 79 18.13 11.79 1.24
C SER B 79 17.61 11.45 2.63
N GLU B 80 17.06 12.46 3.30
CA GLU B 80 16.62 12.34 4.69
C GLU B 80 15.30 13.08 4.85
N GLU B 81 14.21 12.34 4.73
CA GLU B 81 12.96 13.05 4.94
C GLU B 81 12.51 12.95 6.39
N PRO B 82 11.82 13.97 6.90
CA PRO B 82 11.32 13.90 8.28
C PRO B 82 10.18 12.91 8.42
N MET B 83 10.02 12.39 9.63
CA MET B 83 8.93 11.48 9.96
C MET B 83 7.81 12.26 10.63
N VAL B 84 6.62 12.20 10.02
CA VAL B 84 5.45 12.88 10.56
C VAL B 84 4.54 11.86 11.24
N ILE B 85 3.41 12.32 11.75
CA ILE B 85 2.48 11.49 12.50
C ILE B 85 1.21 11.31 11.67
N VAL B 86 0.69 10.07 11.64
CA VAL B 86 -0.60 9.80 11.04
C VAL B 86 -1.64 9.93 12.14
N LEU B 87 -2.59 10.84 11.96
CA LEU B 87 -3.59 11.10 12.98
C LEU B 87 -4.98 10.99 12.36
N ALA B 88 -5.89 10.32 13.08
CA ALA B 88 -7.29 10.37 12.70
C ALA B 88 -7.79 11.80 12.80
N GLU B 89 -8.54 12.24 11.79
CA GLU B 89 -9.07 13.61 11.81
C GLU B 89 -9.93 13.84 13.03
N THR B 90 -10.62 12.81 13.51
CA THR B 90 -11.47 12.93 14.69
C THR B 90 -10.67 13.10 15.97
N HIS B 91 -9.39 12.75 15.96
CA HIS B 91 -8.55 12.90 17.14
C HIS B 91 -8.45 14.37 17.52
N PRO B 92 -8.60 14.71 18.81
CA PRO B 92 -8.52 16.12 19.21
C PRO B 92 -7.15 16.74 19.01
N ALA B 93 -6.10 15.91 18.89
CA ALA B 93 -4.75 16.43 18.68
C ALA B 93 -4.51 16.87 17.23
N ALA B 94 -5.39 16.47 16.31
CA ALA B 94 -5.26 16.88 14.92
C ALA B 94 -5.34 18.40 14.75
N ALA B 95 -5.93 19.10 15.72
CA ALA B 95 -5.98 20.56 15.64
C ALA B 95 -4.60 21.17 15.81
N CYS B 96 -3.69 20.49 16.50
CA CYS B 96 -2.37 21.05 16.77
C CYS B 96 -1.55 21.14 15.48
N LYS B 97 -0.97 22.31 15.23
CA LYS B 97 -0.11 22.49 14.06
C LYS B 97 1.11 21.58 14.14
N GLN B 98 1.65 21.40 15.33
CA GLN B 98 2.74 20.47 15.58
C GLN B 98 2.41 19.66 16.82
N ILE B 99 2.73 18.37 16.78
CA ILE B 99 2.38 17.44 17.85
C ILE B 99 3.64 17.12 18.64
N ALA B 100 3.55 17.21 19.96
CA ALA B 100 4.59 16.68 20.83
C ALA B 100 4.44 15.16 20.90
N LEU B 101 5.46 14.43 20.49
CA LEU B 101 5.41 12.99 20.52
C LEU B 101 5.06 12.50 21.90
N SER B 102 5.14 13.38 22.88
CA SER B 102 4.84 12.98 24.24
C SER B 102 3.35 12.83 24.39
N ILE B 103 2.60 13.64 23.67
CA ILE B 103 1.14 13.60 23.74
C ILE B 103 0.53 12.27 23.38
N LEU B 104 1.13 11.54 22.44
CA LEU B 104 0.68 10.20 22.06
C LEU B 104 1.26 9.09 22.90
N LYS B 105 1.42 9.28 24.19
CA LYS B 105 1.97 8.24 25.01
C LYS B 105 0.87 7.23 25.31
N ASP B 106 -0.37 7.70 25.32
CA ASP B 106 -1.52 6.88 25.61
C ASP B 106 -2.36 6.54 24.38
N GLU B 107 -1.72 6.26 23.26
CA GLU B 107 -2.45 5.87 22.07
C GLU B 107 -1.82 4.59 21.53
N PHE B 108 -2.60 3.81 20.79
CA PHE B 108 -2.07 2.60 20.16
C PHE B 108 -1.31 2.96 18.89
N PHE B 109 -0.31 2.14 18.58
CA PHE B 109 0.59 2.41 17.46
C PHE B 109 0.49 1.28 16.45
N LEU B 110 0.01 1.61 15.25
CA LEU B 110 -0.10 0.66 14.15
C LEU B 110 1.19 0.73 13.34
N LEU B 111 2.02 -0.28 13.46
CA LEU B 111 3.28 -0.30 12.75
C LEU B 111 3.46 -1.54 11.94
N PHE B 112 4.64 -1.65 11.37
CA PHE B 112 4.99 -2.78 10.56
C PHE B 112 5.21 -3.96 11.43
N PRO B 113 4.98 -5.15 10.88
CA PRO B 113 5.18 -6.41 11.57
C PRO B 113 6.58 -6.44 12.08
N ARG B 114 6.74 -6.81 13.33
CA ARG B 114 8.05 -6.87 13.98
C ARG B 114 9.13 -7.76 13.33
N GLU B 115 8.74 -8.77 12.56
CA GLU B 115 9.64 -9.67 11.87
C GLU B 115 10.43 -9.43 10.61
N ILE B 116 9.78 -9.22 9.47
CA ILE B 116 10.49 -9.04 8.21
C ILE B 116 10.39 -7.53 8.06
N GLY B 117 9.51 -6.92 8.81
CA GLY B 117 9.37 -5.47 8.76
C GLY B 117 10.40 -4.91 9.72
N LEU B 118 11.63 -4.77 9.24
CA LEU B 118 12.72 -4.24 10.05
C LEU B 118 13.01 -2.79 9.71
N SER B 119 12.48 -2.34 8.58
CA SER B 119 12.69 -0.97 8.21
C SER B 119 11.66 -0.11 8.90
N LEU B 120 12.02 1.14 9.14
CA LEU B 120 11.18 2.16 9.76
C LEU B 120 10.66 1.89 11.16
N TYR B 121 10.41 0.63 11.47
CA TYR B 121 9.91 0.25 12.75
C TYR B 121 10.96 0.67 13.73
N ASP B 122 12.16 0.19 13.53
CA ASP B 122 13.25 0.51 14.45
C ASP B 122 13.48 2.01 14.53
N ALA B 123 13.14 2.75 13.46
CA ALA B 123 13.27 4.21 13.50
C ALA B 123 12.15 4.85 14.30
N VAL B 124 10.94 4.29 14.25
CA VAL B 124 9.83 4.82 15.06
C VAL B 124 10.14 4.68 16.54
N ILE B 125 10.53 3.48 16.97
CA ILE B 125 10.72 3.23 18.40
C ILE B 125 11.89 4.05 18.95
N LYS B 126 12.93 4.24 18.14
CA LYS B 126 14.07 5.03 18.61
C LYS B 126 13.68 6.49 18.79
N ALA B 127 12.94 7.05 17.84
CA ALA B 127 12.40 8.39 18.01
C ALA B 127 11.35 8.43 19.11
N CYS B 128 10.61 7.33 19.28
CA CYS B 128 9.54 7.29 20.26
C CYS B 128 10.09 7.20 21.68
N GLY B 129 11.15 6.41 21.88
CA GLY B 129 11.76 6.32 23.18
C GLY B 129 12.40 7.62 23.62
N LYS B 130 12.82 8.45 22.67
CA LYS B 130 13.39 9.75 23.03
C LYS B 130 12.35 10.64 23.69
N ALA B 131 11.07 10.47 23.35
CA ALA B 131 10.00 11.15 24.06
C ALA B 131 9.69 10.52 25.41
N GLY B 132 10.49 9.55 25.84
CA GLY B 132 10.38 8.99 27.17
C GLY B 132 9.35 7.91 27.37
N PHE B 133 9.03 7.14 26.33
CA PHE B 133 8.06 6.07 26.47
C PHE B 133 8.23 5.07 25.33
N GLU B 134 7.57 3.92 25.50
CA GLU B 134 7.58 2.84 24.53
C GLU B 134 6.17 2.60 24.03
N PRO B 135 5.93 2.65 22.72
CA PRO B 135 4.56 2.50 22.21
C PRO B 135 4.01 1.12 22.48
N LYS B 136 2.75 1.07 22.89
CA LYS B 136 2.05 -0.21 22.97
C LYS B 136 1.65 -0.65 21.56
N ILE B 137 1.96 -1.89 21.23
CA ILE B 137 1.75 -2.41 19.88
C ILE B 137 0.25 -2.54 19.63
N GLY B 138 -0.27 -1.72 18.71
CA GLY B 138 -1.64 -1.84 18.29
C GLY B 138 -1.80 -2.94 17.26
N GLN B 139 -2.27 -2.60 16.07
CA GLN B 139 -2.40 -3.56 14.99
C GLN B 139 -1.12 -3.58 14.15
N LEU B 140 -0.76 -4.78 13.69
CA LEU B 140 0.45 -5.01 12.92
C LEU B 140 0.05 -5.46 11.51
N VAL B 141 0.15 -4.56 10.55
CA VAL B 141 -0.23 -4.85 9.17
C VAL B 141 0.99 -4.59 8.30
N PRO B 142 1.30 -5.45 7.34
CA PRO B 142 2.59 -5.35 6.63
C PRO B 142 2.66 -4.28 5.55
N GLN B 143 1.73 -3.32 5.49
CA GLN B 143 1.77 -2.30 4.46
C GLN B 143 1.46 -0.93 5.03
N ILE B 144 2.18 0.07 4.52
CA ILE B 144 1.92 1.46 4.90
C ILE B 144 0.48 1.85 4.54
N SER B 145 0.03 1.46 3.35
CA SER B 145 -1.32 1.77 2.91
C SER B 145 -2.35 1.38 3.97
N SER B 146 -2.31 0.12 4.40
CA SER B 146 -3.27 -0.34 5.39
C SER B 146 -3.00 0.26 6.76
N VAL B 147 -1.74 0.59 7.08
CA VAL B 147 -1.46 1.34 8.29
C VAL B 147 -2.22 2.67 8.27
N ILE B 148 -2.12 3.40 7.17
CA ILE B 148 -2.76 4.71 7.08
C ILE B 148 -4.29 4.55 7.07
N ASN B 149 -4.80 3.53 6.39
CA ASN B 149 -6.24 3.29 6.40
C ASN B 149 -6.72 2.86 7.78
N LEU B 150 -5.90 2.15 8.56
CA LEU B 150 -6.31 1.73 9.88
C LEU B 150 -6.31 2.89 10.88
N VAL B 151 -5.51 3.92 10.62
CA VAL B 151 -5.61 5.13 11.43
C VAL B 151 -6.93 5.85 11.13
N SER B 152 -7.33 5.88 9.85
CA SER B 152 -8.63 6.42 9.48
C SER B 152 -9.76 5.73 10.23
N ALA B 153 -9.58 4.45 10.55
CA ALA B 153 -10.57 3.70 11.32
C ALA B 153 -10.48 3.96 12.82
N GLU B 154 -9.59 4.87 13.25
CA GLU B 154 -9.41 5.20 14.67
C GLU B 154 -8.89 4.00 15.46
N MET B 155 -7.97 3.24 14.85
CA MET B 155 -7.37 2.10 15.53
C MET B 155 -6.07 2.44 16.23
N GLY B 156 -5.56 3.66 16.04
CA GLY B 156 -4.34 4.08 16.68
C GLY B 156 -3.68 5.19 15.88
N VAL B 157 -2.36 5.26 15.99
CA VAL B 157 -1.54 6.23 15.27
C VAL B 157 -0.27 5.53 14.83
N SER B 158 0.64 6.30 14.23
CA SER B 158 1.92 5.78 13.74
C SER B 158 2.76 6.96 13.29
N MET B 159 4.03 6.68 13.02
CA MET B 159 4.96 7.64 12.44
C MET B 159 5.33 7.17 11.04
N VAL B 160 5.22 8.07 10.06
CA VAL B 160 5.49 7.72 8.67
C VAL B 160 6.41 8.77 8.07
N PRO B 161 7.21 8.44 7.05
CA PRO B 161 7.99 9.46 6.36
C PRO B 161 7.09 10.53 5.77
N ASP B 162 7.61 11.76 5.69
CA ASP B 162 6.82 12.86 5.16
C ASP B 162 6.32 12.59 3.75
N SER B 163 7.02 11.76 2.99
CA SER B 163 6.56 11.41 1.66
C SER B 163 5.23 10.66 1.67
N MET B 164 4.80 10.17 2.85
CA MET B 164 3.51 9.50 2.95
C MET B 164 2.33 10.46 2.81
N ARG B 165 2.57 11.77 2.78
CA ARG B 165 1.49 12.73 2.64
C ARG B 165 0.69 12.51 1.36
N GLN B 166 1.29 11.88 0.34
CA GLN B 166 0.57 11.62 -0.90
C GLN B 166 -0.57 10.63 -0.72
N VAL B 167 -0.56 9.84 0.35
CA VAL B 167 -1.69 8.98 0.66
C VAL B 167 -2.76 9.80 1.35
N ASN B 168 -3.54 10.55 0.56
CA ASN B 168 -4.54 11.48 1.08
C ASN B 168 -5.84 10.74 1.42
N VAL B 169 -5.75 9.87 2.41
CA VAL B 169 -6.90 9.10 2.85
C VAL B 169 -7.84 9.99 3.64
N LYS B 170 -9.12 10.00 3.26
CA LYS B 170 -10.11 10.78 3.98
C LYS B 170 -10.23 10.29 5.41
N GLY B 171 -10.04 11.19 6.36
CA GLY B 171 -10.11 10.85 7.77
C GLY B 171 -8.79 10.87 8.50
N VAL B 172 -7.66 10.94 7.79
CA VAL B 172 -6.35 11.02 8.42
C VAL B 172 -5.75 12.38 8.12
N VAL B 173 -4.85 12.81 9.00
CA VAL B 173 -4.09 14.05 8.82
C VAL B 173 -2.62 13.76 9.10
N TYR B 174 -1.77 14.64 8.58
CA TYR B 174 -0.32 14.49 8.67
C TYR B 174 0.24 15.73 9.34
N ARG B 175 0.81 15.54 10.54
CA ARG B 175 1.37 16.63 11.31
C ARG B 175 2.77 16.26 11.77
N PRO B 176 3.76 17.12 11.56
CA PRO B 176 5.11 16.82 12.05
C PRO B 176 5.18 16.93 13.56
N VAL B 177 6.27 16.40 14.11
CA VAL B 177 6.47 16.37 15.56
C VAL B 177 7.45 17.48 15.94
N ALA B 178 7.01 18.34 16.87
CA ALA B 178 7.82 19.47 17.31
C ALA B 178 8.77 19.10 18.45
N ASP B 179 8.51 17.99 19.15
CA ASP B 179 9.39 17.59 20.24
C ASP B 179 10.80 17.35 19.75
N GLN B 180 10.95 16.63 18.65
CA GLN B 180 12.25 16.21 18.12
C GLN B 180 12.24 16.41 16.61
N MET B 181 13.31 15.96 15.96
CA MET B 181 13.44 15.98 14.50
C MET B 181 13.69 14.56 13.99
N PRO B 182 12.71 13.66 14.11
CA PRO B 182 12.89 12.31 13.56
C PRO B 182 12.94 12.34 12.05
N VAL B 183 13.70 11.41 11.47
CA VAL B 183 13.95 11.38 10.04
C VAL B 183 13.88 9.95 9.53
N ALA B 184 13.58 9.83 8.25
CA ALA B 184 13.60 8.55 7.54
C ALA B 184 14.80 8.54 6.59
N LYS B 185 15.61 7.50 6.68
CA LYS B 185 16.83 7.40 5.90
C LYS B 185 16.65 6.48 4.70
N LEU B 186 17.16 6.93 3.55
CA LEU B 186 17.12 6.15 2.31
C LEU B 186 18.52 6.08 1.73
N ALA B 187 18.80 4.99 1.02
CA ALA B 187 20.14 4.77 0.48
C ALA B 187 20.06 3.96 -0.80
N LEU B 188 21.02 4.21 -1.70
CA LEU B 188 21.19 3.43 -2.91
C LEU B 188 22.22 2.34 -2.65
N ALA B 189 21.85 1.10 -2.93
CA ALA B 189 22.67 -0.06 -2.59
C ALA B 189 22.98 -0.88 -3.85
N TYR B 190 24.26 -1.26 -3.96
CA TYR B 190 24.72 -2.13 -5.03
C TYR B 190 26.02 -2.76 -4.56
N ARG B 191 26.40 -3.88 -5.19
CA ARG B 191 27.60 -4.58 -4.76
C ARG B 191 28.84 -3.76 -5.07
N ARG B 192 29.93 -4.08 -4.37
CA ARG B 192 31.12 -3.23 -4.39
C ARG B 192 31.79 -3.24 -5.76
N GLY B 193 31.81 -4.39 -6.43
CA GLY B 193 32.46 -4.48 -7.73
C GLY B 193 31.50 -4.90 -8.83
N ASP B 194 30.94 -3.91 -9.53
CA ASP B 194 30.04 -4.17 -10.65
C ASP B 194 30.48 -3.34 -11.85
N THR B 195 30.56 -3.99 -13.01
CA THR B 195 31.05 -3.37 -14.24
C THR B 195 29.94 -3.09 -15.25
N SER B 196 28.69 -3.33 -14.89
CA SER B 196 27.59 -3.19 -15.85
C SER B 196 27.42 -1.75 -16.30
N PRO B 197 27.57 -1.44 -17.59
CA PRO B 197 27.31 -0.06 -18.03
C PRO B 197 25.87 0.37 -17.80
N THR B 198 24.92 -0.56 -17.96
CA THR B 198 23.52 -0.23 -17.71
C THR B 198 23.28 0.14 -16.24
N LEU B 199 23.95 -0.55 -15.33
CA LEU B 199 23.85 -0.17 -13.92
C LEU B 199 24.55 1.16 -13.67
N ARG B 200 25.79 1.29 -14.14
CA ARG B 200 26.59 2.49 -13.89
C ARG B 200 25.81 3.76 -14.18
N ASN B 201 25.16 3.81 -15.35
CA ASN B 201 24.39 5.00 -15.71
C ASN B 201 23.22 5.25 -14.76
N PHE B 202 22.79 4.24 -14.01
CA PHE B 202 21.67 4.44 -13.08
C PHE B 202 22.11 5.23 -11.85
N ILE B 203 23.25 4.86 -11.24
CA ILE B 203 23.74 5.64 -10.11
C ILE B 203 24.04 7.07 -10.54
N LEU B 204 24.37 7.28 -11.82
CA LEU B 204 24.67 8.63 -12.31
C LEU B 204 23.40 9.46 -12.50
N LYS B 205 22.28 8.83 -12.85
CA LYS B 205 21.01 9.55 -12.93
C LYS B 205 20.35 9.71 -11.57
N VAL B 206 20.74 8.90 -10.59
CA VAL B 206 20.23 9.06 -9.23
C VAL B 206 20.90 10.23 -8.54
N THR B 207 22.21 10.37 -8.71
CA THR B 207 23.01 11.28 -7.91
C THR B 207 23.24 12.58 -8.67
#